data_3WNC
#
_entry.id   3WNC
#
_cell.length_a   62.020
_cell.length_b   108.700
_cell.length_c   58.390
_cell.angle_alpha   90.00
_cell.angle_beta   90.00
_cell.angle_gamma   90.00
#
_symmetry.space_group_name_H-M   'P 21 21 2'
#
loop_
_entity.id
_entity.type
_entity.pdbx_description
1 polymer 'Protein translation elongation factor 1A'
2 non-polymer "GUANOSINE-5'-DIPHOSPHATE"
3 non-polymer 'MAGNESIUM ION'
4 water water
#
_entity_poly.entity_id   1
_entity_poly.type   'polypeptide(L)'
_entity_poly.pdbx_seq_one_letter_code
;(MSE)GSSHHHHHHSSGLVPRGSH(MSE)ANVAIIGTEKSGRTSLAANLGKKGTSSDIT(MSE)YNNDKEGRN(MSE)VF
VDAHSYPKTLKSLITALNISDIAVLCIPPQGLDAHTGECIIALDLLGFKHGIIALTRSDSTH(MSE)HAIDELKAKLKVI
TSGTVLQDWECISLNTNKSAKNPFEGVDELKARINEVAEKIEAENAELNSLPARIFIDHAFNVTGKGCVVLGVVKQGISK
DKDKTKIFPLDRDIEIRSIQSHDVDIDSAPAGTRVG(MSE)RLKNVQAKDIERGFIISDKEIVTTDYTLECTVSKFTKKI
EPASVLHLFVGLQSEPVRVEKILVDGNEVEEAKPGSTCVLELSGNKKLAYSKQDRFLLANLDLTQRFAAYGFSK
;
_entity_poly.pdbx_strand_id   A
#
# COMPACT_ATOMS: atom_id res chain seq x y z
N HIS A 10 -2.01 15.27 -27.54
CA HIS A 10 -0.60 15.77 -27.62
C HIS A 10 0.15 15.53 -26.32
N SER A 11 1.37 15.02 -26.42
CA SER A 11 2.16 14.76 -25.22
C SER A 11 3.63 15.03 -25.48
N SER A 12 4.43 15.00 -24.42
CA SER A 12 5.86 15.21 -24.56
C SER A 12 6.52 13.99 -25.18
N GLY A 13 7.76 14.14 -25.58
CA GLY A 13 8.49 13.01 -26.12
C GLY A 13 8.14 12.56 -27.53
N LEU A 14 8.77 11.47 -27.93
CA LEU A 14 8.64 10.90 -29.26
C LEU A 14 7.60 9.79 -29.34
N VAL A 15 7.15 9.36 -28.16
CA VAL A 15 6.19 8.30 -28.05
C VAL A 15 5.49 8.54 -26.72
N PRO A 16 4.16 8.35 -26.67
CA PRO A 16 3.45 8.56 -25.40
C PRO A 16 3.87 7.45 -24.45
N ARG A 17 3.74 7.66 -23.15
CA ARG A 17 4.11 6.61 -22.22
C ARG A 17 3.15 5.44 -22.33
N GLY A 18 1.88 5.75 -22.62
CA GLY A 18 0.89 4.71 -22.73
C GLY A 18 0.31 4.42 -21.36
N SER A 19 -0.88 3.82 -21.32
CA SER A 19 -1.52 3.50 -20.05
C SER A 19 -1.14 2.08 -19.62
N HIS A 20 0.16 1.82 -19.54
CA HIS A 20 0.61 0.49 -19.14
C HIS A 20 1.53 0.52 -17.93
N ALA A 22 1.91 -1.03 -13.49
CA ALA A 22 1.37 -1.78 -12.39
C ALA A 22 2.26 -1.58 -11.19
N ASN A 23 1.65 -1.21 -10.07
CA ASN A 23 2.40 -1.04 -8.84
C ASN A 23 1.99 -2.22 -7.99
N VAL A 24 2.95 -3.10 -7.75
CA VAL A 24 2.74 -4.35 -7.03
C VAL A 24 3.44 -4.43 -5.69
N ALA A 25 2.72 -4.92 -4.68
CA ALA A 25 3.30 -5.09 -3.36
C ALA A 25 3.56 -6.59 -3.17
N ILE A 26 4.80 -6.96 -2.82
CA ILE A 26 5.17 -8.36 -2.58
C ILE A 26 5.28 -8.46 -1.06
N ILE A 27 4.34 -9.16 -0.42
CA ILE A 27 4.35 -9.23 1.03
C ILE A 27 4.23 -10.65 1.55
N GLY A 28 4.30 -10.78 2.88
CA GLY A 28 4.18 -12.09 3.49
C GLY A 28 5.01 -12.27 4.75
N THR A 29 4.87 -13.45 5.35
CA THR A 29 5.56 -13.79 6.59
C THR A 29 7.07 -14.00 6.41
N GLU A 30 7.78 -14.18 7.51
CA GLU A 30 9.21 -14.41 7.42
C GLU A 30 9.54 -15.70 6.67
N LYS A 31 10.68 -15.70 5.97
CA LYS A 31 11.11 -16.87 5.23
C LYS A 31 10.07 -17.37 4.22
N SER A 32 9.40 -16.43 3.56
CA SER A 32 8.39 -16.80 2.57
C SER A 32 8.88 -16.60 1.13
N GLY A 33 10.16 -16.25 0.96
CA GLY A 33 10.71 -16.04 -0.36
C GLY A 33 10.32 -14.73 -1.00
N ARG A 34 9.83 -13.78 -0.19
CA ARG A 34 9.40 -12.48 -0.71
C ARG A 34 10.51 -11.69 -1.42
N THR A 35 11.63 -11.50 -0.74
CA THR A 35 12.71 -10.73 -1.33
C THR A 35 13.24 -11.40 -2.60
N SER A 36 13.40 -12.72 -2.56
CA SER A 36 13.92 -13.43 -3.73
C SER A 36 12.98 -13.26 -4.91
N LEU A 37 11.68 -13.29 -4.65
CA LEU A 37 10.71 -13.12 -5.74
C LEU A 37 10.82 -11.70 -6.30
N ALA A 38 10.72 -10.71 -5.42
CA ALA A 38 10.80 -9.32 -5.86
C ALA A 38 12.10 -9.04 -6.63
N ALA A 39 13.24 -9.45 -6.05
CA ALA A 39 14.54 -9.23 -6.66
C ALA A 39 14.67 -9.89 -8.04
N ASN A 40 13.92 -10.97 -8.28
CA ASN A 40 13.98 -11.63 -9.58
C ASN A 40 12.92 -11.09 -10.54
N LEU A 41 12.12 -10.12 -10.08
CA LEU A 41 11.10 -9.55 -10.95
C LEU A 41 11.46 -8.16 -11.51
N GLY A 42 12.47 -7.52 -10.94
CA GLY A 42 12.90 -6.21 -11.40
C GLY A 42 14.27 -5.84 -10.85
N LYS A 43 14.76 -4.66 -11.21
CA LYS A 43 16.06 -4.23 -10.71
C LYS A 43 15.92 -3.31 -9.50
N LYS A 44 16.72 -3.61 -8.48
CA LYS A 44 16.71 -2.88 -7.23
C LYS A 44 16.87 -1.39 -7.44
N GLY A 45 15.99 -0.63 -6.82
CA GLY A 45 16.02 0.82 -6.93
C GLY A 45 15.98 1.40 -5.54
N THR A 46 15.05 2.32 -5.31
CA THR A 46 14.91 2.97 -4.00
C THR A 46 14.77 1.97 -2.86
N SER A 47 15.53 2.19 -1.79
CA SER A 47 15.51 1.30 -0.64
C SER A 47 15.58 2.06 0.69
N SER A 48 14.58 1.84 1.55
CA SER A 48 14.51 2.45 2.87
C SER A 48 13.97 1.34 3.78
N ASP A 49 12.78 1.49 4.35
CA ASP A 49 12.25 0.41 5.17
C ASP A 49 11.50 -0.54 4.23
N ILE A 50 11.41 -0.13 2.96
CA ILE A 50 10.79 -0.93 1.90
C ILE A 50 11.73 -0.80 0.71
N THR A 51 11.65 -1.73 -0.25
CA THR A 51 12.51 -1.67 -1.43
C THR A 51 11.78 -1.86 -2.75
N TYR A 53 11.65 -2.59 -6.75
CA TYR A 53 12.38 -3.32 -7.78
C TYR A 53 11.61 -2.91 -9.01
N ASN A 54 12.32 -2.20 -9.88
CA ASN A 54 11.72 -1.68 -11.11
C ASN A 54 11.89 -2.54 -12.32
N ASN A 55 10.83 -2.63 -13.11
CA ASN A 55 10.95 -3.37 -14.33
C ASN A 55 10.06 -2.74 -15.38
N ASP A 56 10.66 -1.91 -16.21
CA ASP A 56 9.93 -1.23 -17.27
C ASP A 56 10.49 -1.76 -18.59
N LYS A 57 11.15 -2.91 -18.50
CA LYS A 57 11.74 -3.51 -19.67
C LYS A 57 10.83 -4.57 -20.28
N GLU A 58 9.71 -4.88 -19.65
CA GLU A 58 8.83 -5.91 -20.20
C GLU A 58 7.45 -5.49 -20.68
N GLY A 59 7.26 -4.20 -20.93
CA GLY A 59 5.97 -3.74 -21.42
C GLY A 59 5.39 -2.66 -20.55
N ARG A 60 4.92 -3.05 -19.37
CA ARG A 60 4.34 -2.08 -18.44
C ARG A 60 5.44 -1.50 -17.59
N ASN A 61 5.20 -0.30 -17.07
CA ASN A 61 6.14 0.30 -16.18
C ASN A 61 5.77 -0.40 -14.88
N VAL A 63 6.52 -1.72 -10.92
CA VAL A 63 7.29 -1.50 -9.72
C VAL A 63 6.82 -2.52 -8.72
N PHE A 64 7.75 -3.29 -8.17
CA PHE A 64 7.42 -4.28 -7.17
C PHE A 64 7.99 -3.77 -5.87
N VAL A 65 7.14 -3.66 -4.87
CA VAL A 65 7.59 -3.16 -3.58
C VAL A 65 7.69 -4.28 -2.56
N ASP A 66 8.92 -4.53 -2.10
CA ASP A 66 9.18 -5.55 -1.09
C ASP A 66 9.12 -4.85 0.27
N ALA A 67 8.14 -5.22 1.10
CA ALA A 67 8.01 -4.63 2.43
C ALA A 67 8.94 -5.43 3.34
N HIS A 68 10.25 -5.27 3.13
CA HIS A 68 11.21 -6.06 3.89
C HIS A 68 11.34 -5.80 5.38
N SER A 69 10.78 -4.71 5.87
CA SER A 69 10.85 -4.43 7.30
C SER A 69 9.65 -5.04 8.04
N TYR A 70 8.80 -5.76 7.32
CA TYR A 70 7.65 -6.43 7.95
C TYR A 70 8.12 -7.89 8.03
N PRO A 71 7.71 -8.64 9.07
CA PRO A 71 6.85 -8.35 10.22
C PRO A 71 7.36 -7.45 11.33
N LYS A 72 8.62 -7.03 11.27
CA LYS A 72 9.15 -6.17 12.32
C LYS A 72 8.29 -4.92 12.52
N THR A 73 8.03 -4.17 11.45
CA THR A 73 7.20 -2.98 11.56
C THR A 73 5.97 -3.12 10.65
N LEU A 74 4.87 -2.51 11.05
CA LEU A 74 3.65 -2.53 10.25
C LEU A 74 3.72 -1.46 9.18
N LYS A 75 4.33 -0.32 9.49
CA LYS A 75 4.39 0.75 8.49
C LYS A 75 5.01 0.26 7.19
N SER A 76 5.99 -0.63 7.27
CA SER A 76 6.62 -1.15 6.04
C SER A 76 5.52 -1.78 5.18
N LEU A 77 4.73 -2.66 5.81
CA LEU A 77 3.64 -3.35 5.12
C LEU A 77 2.57 -2.38 4.60
N ILE A 78 2.09 -1.51 5.48
CA ILE A 78 1.05 -0.58 5.10
C ILE A 78 1.51 0.39 4.00
N THR A 79 2.74 0.88 4.06
CA THR A 79 3.22 1.78 3.02
C THR A 79 3.23 1.05 1.67
N ALA A 80 3.75 -0.18 1.67
CA ALA A 80 3.79 -0.96 0.44
C ALA A 80 2.37 -1.16 -0.11
N LEU A 81 1.42 -1.49 0.75
CA LEU A 81 0.06 -1.70 0.27
C LEU A 81 -0.61 -0.41 -0.21
N ASN A 82 -0.44 0.69 0.52
CA ASN A 82 -1.07 1.95 0.13
C ASN A 82 -0.47 2.69 -1.07
N ILE A 83 0.60 2.14 -1.65
CA ILE A 83 1.16 2.76 -2.83
C ILE A 83 1.06 1.76 -3.98
N SER A 84 0.48 0.60 -3.71
CA SER A 84 0.34 -0.43 -4.75
C SER A 84 -1.14 -0.69 -5.09
N ASP A 85 -1.37 -1.30 -6.24
CA ASP A 85 -2.74 -1.62 -6.67
C ASP A 85 -2.96 -3.13 -6.69
N ILE A 86 -1.87 -3.89 -6.67
CA ILE A 86 -1.92 -5.34 -6.71
C ILE A 86 -1.06 -5.92 -5.60
N ALA A 87 -1.60 -6.90 -4.87
CA ALA A 87 -0.84 -7.51 -3.81
C ALA A 87 -0.50 -8.97 -4.12
N VAL A 88 0.74 -9.34 -3.87
CA VAL A 88 1.17 -10.72 -4.07
C VAL A 88 1.55 -11.18 -2.67
N LEU A 89 0.73 -12.07 -2.11
CA LEU A 89 0.97 -12.59 -0.77
C LEU A 89 1.73 -13.90 -0.90
N CYS A 90 2.95 -13.92 -0.38
CA CYS A 90 3.79 -15.09 -0.44
C CYS A 90 3.57 -16.02 0.75
N ILE A 91 3.21 -17.27 0.48
CA ILE A 91 3.03 -18.25 1.52
C ILE A 91 3.84 -19.49 1.21
N PRO A 92 4.84 -19.78 2.04
CA PRO A 92 5.70 -20.95 1.82
C PRO A 92 5.02 -22.24 2.29
N PRO A 93 5.62 -23.40 1.99
CA PRO A 93 5.00 -24.66 2.41
C PRO A 93 4.81 -24.65 3.95
N GLN A 94 3.67 -25.16 4.41
CA GLN A 94 3.34 -25.18 5.84
C GLN A 94 3.46 -23.77 6.41
N GLY A 95 3.17 -22.77 5.58
CA GLY A 95 3.33 -21.40 6.01
C GLY A 95 2.14 -20.67 6.60
N LEU A 96 1.19 -21.41 7.14
CA LEU A 96 0.00 -20.80 7.74
C LEU A 96 0.36 -20.42 9.17
N ASP A 97 1.14 -19.37 9.34
CA ASP A 97 1.56 -18.93 10.67
C ASP A 97 0.91 -17.62 11.08
N ALA A 98 1.38 -17.04 12.18
CA ALA A 98 0.77 -15.82 12.71
C ALA A 98 0.82 -14.63 11.77
N HIS A 99 1.97 -14.40 11.15
CA HIS A 99 2.07 -13.25 10.27
C HIS A 99 1.33 -13.43 8.96
N THR A 100 1.21 -14.68 8.50
CA THR A 100 0.45 -14.90 7.27
C THR A 100 -0.99 -14.54 7.61
N GLY A 101 -1.42 -14.89 8.81
CA GLY A 101 -2.77 -14.57 9.23
C GLY A 101 -2.96 -13.05 9.35
N GLU A 102 -1.96 -12.37 9.90
CA GLU A 102 -2.01 -10.91 10.05
C GLU A 102 -2.06 -10.24 8.68
N CYS A 103 -1.29 -10.75 7.73
CA CYS A 103 -1.32 -10.19 6.37
C CYS A 103 -2.70 -10.33 5.72
N ILE A 104 -3.31 -11.49 5.91
CA ILE A 104 -4.65 -11.71 5.36
C ILE A 104 -5.63 -10.72 6.00
N ILE A 105 -5.55 -10.59 7.31
CA ILE A 105 -6.44 -9.67 8.01
C ILE A 105 -6.24 -8.24 7.49
N ALA A 106 -5.00 -7.81 7.35
CA ALA A 106 -4.71 -6.45 6.90
C ALA A 106 -5.29 -6.20 5.52
N LEU A 107 -5.03 -7.13 4.59
CA LEU A 107 -5.53 -6.99 3.23
C LEU A 107 -7.06 -6.88 3.23
N ASP A 108 -7.69 -7.69 4.06
CA ASP A 108 -9.15 -7.69 4.15
C ASP A 108 -9.68 -6.40 4.82
N LEU A 109 -8.99 -5.89 5.84
CA LEU A 109 -9.44 -4.65 6.48
C LEU A 109 -9.24 -3.49 5.52
N LEU A 110 -8.27 -3.63 4.61
CA LEU A 110 -8.00 -2.57 3.64
C LEU A 110 -8.94 -2.68 2.45
N GLY A 111 -9.70 -3.76 2.38
CA GLY A 111 -10.60 -3.96 1.25
C GLY A 111 -9.75 -4.01 -0.01
N PHE A 112 -8.56 -4.62 0.11
CA PHE A 112 -7.65 -4.70 -1.02
C PHE A 112 -8.27 -5.62 -2.10
N LYS A 113 -8.66 -5.01 -3.21
CA LYS A 113 -9.33 -5.73 -4.28
C LYS A 113 -8.52 -6.76 -5.08
N HIS A 114 -7.44 -6.29 -5.66
CA HIS A 114 -6.65 -7.11 -6.57
C HIS A 114 -5.41 -7.77 -5.98
N GLY A 115 -5.34 -9.09 -6.10
CA GLY A 115 -4.17 -9.80 -5.58
C GLY A 115 -4.01 -11.21 -6.12
N ILE A 116 -2.92 -11.84 -5.69
CA ILE A 116 -2.59 -13.20 -6.08
C ILE A 116 -1.86 -13.78 -4.89
N ILE A 117 -2.02 -15.07 -4.65
CA ILE A 117 -1.29 -15.72 -3.59
C ILE A 117 -0.18 -16.52 -4.28
N ALA A 118 1.06 -16.28 -3.88
CA ALA A 118 2.19 -17.00 -4.44
C ALA A 118 2.61 -18.07 -3.44
N LEU A 119 2.43 -19.34 -3.81
CA LEU A 119 2.81 -20.45 -2.94
C LEU A 119 4.25 -20.71 -3.33
N THR A 120 5.14 -20.02 -2.64
CA THR A 120 6.56 -20.05 -2.92
C THR A 120 7.33 -21.31 -2.58
N ARG A 121 8.59 -21.34 -2.97
CA ARG A 121 9.46 -22.47 -2.69
C ARG A 121 8.87 -23.80 -3.14
N SER A 122 8.22 -23.83 -4.29
CA SER A 122 7.62 -25.08 -4.79
C SER A 122 8.63 -26.23 -4.91
N ASP A 123 9.90 -25.93 -5.15
CA ASP A 123 10.88 -27.01 -5.30
C ASP A 123 11.15 -27.74 -3.98
N SER A 124 10.74 -27.15 -2.87
CA SER A 124 10.94 -27.79 -1.59
C SER A 124 9.72 -28.59 -1.13
N THR A 125 8.74 -28.78 -2.01
CA THR A 125 7.54 -29.49 -1.60
C THR A 125 7.04 -30.39 -2.74
N HIS A 126 5.84 -30.94 -2.60
CA HIS A 126 5.31 -31.82 -3.63
C HIS A 126 3.92 -31.41 -4.05
N HIS A 128 1.11 -32.97 -4.24
CA HIS A 128 0.03 -33.33 -3.34
C HIS A 128 0.00 -32.47 -2.07
N ALA A 129 1.14 -31.98 -1.63
CA ALA A 129 1.16 -31.12 -0.44
C ALA A 129 0.63 -29.74 -0.85
N ILE A 130 1.03 -29.33 -2.04
CA ILE A 130 0.60 -28.06 -2.60
C ILE A 130 -0.92 -28.05 -2.80
N ASP A 131 -1.49 -29.16 -3.27
CA ASP A 131 -2.94 -29.22 -3.45
C ASP A 131 -3.61 -29.13 -2.09
N GLU A 132 -2.98 -29.71 -1.07
CA GLU A 132 -3.55 -29.66 0.25
C GLU A 132 -3.48 -28.24 0.83
N LEU A 133 -2.40 -27.52 0.55
CA LEU A 133 -2.27 -26.15 1.08
C LEU A 133 -3.26 -25.23 0.33
N LYS A 134 -3.44 -25.45 -0.98
CA LYS A 134 -4.38 -24.63 -1.72
C LYS A 134 -5.79 -24.86 -1.17
N ALA A 135 -6.11 -26.10 -0.82
CA ALA A 135 -7.42 -26.46 -0.28
C ALA A 135 -7.65 -25.75 1.04
N LYS A 136 -6.64 -25.75 1.91
CA LYS A 136 -6.77 -25.09 3.18
C LYS A 136 -7.00 -23.58 2.97
N LEU A 137 -6.28 -22.99 2.03
CA LEU A 137 -6.40 -21.56 1.80
C LEU A 137 -7.78 -21.19 1.24
N LYS A 138 -8.34 -22.01 0.37
CA LYS A 138 -9.66 -21.70 -0.16
C LYS A 138 -10.60 -21.49 1.01
N VAL A 139 -10.34 -22.20 2.11
CA VAL A 139 -11.14 -22.12 3.32
C VAL A 139 -10.83 -20.91 4.19
N ILE A 140 -9.56 -20.67 4.43
CA ILE A 140 -9.13 -19.55 5.25
C ILE A 140 -9.52 -18.20 4.60
N THR A 141 -9.58 -18.16 3.28
CA THR A 141 -9.89 -16.90 2.58
C THR A 141 -11.38 -16.72 2.25
N SER A 142 -12.17 -17.77 2.48
CA SER A 142 -13.61 -17.68 2.21
C SER A 142 -14.23 -16.50 2.98
N GLY A 143 -15.02 -15.68 2.30
CA GLY A 143 -15.65 -14.57 2.99
C GLY A 143 -14.72 -13.40 3.27
N THR A 144 -13.59 -13.32 2.55
CA THR A 144 -12.64 -12.21 2.71
C THR A 144 -12.35 -11.70 1.29
N VAL A 145 -11.66 -10.56 1.17
CA VAL A 145 -11.35 -10.03 -0.17
C VAL A 145 -10.41 -10.92 -0.97
N LEU A 146 -9.74 -11.87 -0.30
CA LEU A 146 -8.82 -12.78 -1.01
C LEU A 146 -9.52 -14.04 -1.50
N GLN A 147 -10.81 -14.18 -1.24
CA GLN A 147 -11.49 -15.42 -1.58
C GLN A 147 -11.34 -15.92 -3.01
N ASP A 148 -11.31 -15.02 -3.99
CA ASP A 148 -11.18 -15.44 -5.38
C ASP A 148 -9.80 -15.19 -5.96
N TRP A 149 -8.82 -14.92 -5.11
CA TRP A 149 -7.48 -14.70 -5.62
C TRP A 149 -6.92 -16.03 -6.07
N GLU A 150 -6.19 -16.03 -7.18
CA GLU A 150 -5.58 -17.26 -7.65
C GLU A 150 -4.36 -17.62 -6.80
N CYS A 151 -4.09 -18.91 -6.65
CA CYS A 151 -2.92 -19.36 -5.90
C CYS A 151 -2.02 -19.98 -6.95
N ILE A 152 -0.81 -19.48 -7.04
CA ILE A 152 0.15 -19.98 -8.02
C ILE A 152 1.40 -20.54 -7.35
N SER A 153 1.67 -21.83 -7.61
CA SER A 153 2.84 -22.50 -7.06
C SER A 153 4.06 -22.08 -7.90
N LEU A 154 5.13 -21.65 -7.23
CA LEU A 154 6.28 -21.17 -7.96
C LEU A 154 7.54 -21.22 -7.11
N ASN A 155 8.68 -21.03 -7.77
CA ASN A 155 9.95 -20.95 -7.07
C ASN A 155 10.86 -20.07 -7.92
N THR A 156 11.93 -19.58 -7.30
CA THR A 156 12.88 -18.72 -7.99
C THR A 156 14.27 -19.34 -7.80
N ASN A 157 14.35 -20.65 -7.95
CA ASN A 157 15.59 -21.40 -7.78
C ASN A 157 16.00 -21.95 -9.14
N LYS A 158 16.99 -21.33 -9.76
CA LYS A 158 17.44 -21.77 -11.07
C LYS A 158 18.03 -23.18 -11.08
N SER A 159 18.36 -23.69 -9.90
CA SER A 159 18.95 -25.01 -9.77
C SER A 159 17.95 -26.12 -9.40
N ALA A 160 16.69 -25.77 -9.24
CA ALA A 160 15.66 -26.76 -8.89
C ALA A 160 15.33 -27.68 -10.07
N LYS A 161 14.72 -28.82 -9.76
CA LYS A 161 14.30 -29.76 -10.79
C LYS A 161 13.43 -29.03 -11.81
N ASN A 162 12.56 -28.15 -11.33
CA ASN A 162 11.69 -27.37 -12.19
C ASN A 162 12.01 -25.91 -11.86
N PRO A 163 13.15 -25.41 -12.37
CA PRO A 163 13.57 -24.03 -12.12
C PRO A 163 12.59 -22.95 -12.55
N PHE A 164 12.25 -22.07 -11.60
CA PHE A 164 11.33 -20.98 -11.90
C PHE A 164 9.95 -21.37 -12.41
N GLU A 165 9.50 -22.58 -12.10
CA GLU A 165 8.16 -22.97 -12.55
C GLU A 165 7.21 -21.97 -11.89
N GLY A 166 6.09 -21.68 -12.56
CA GLY A 166 5.11 -20.77 -12.00
C GLY A 166 5.41 -19.28 -12.11
N VAL A 167 6.66 -18.90 -12.30
CA VAL A 167 6.96 -17.47 -12.40
C VAL A 167 6.35 -16.89 -13.66
N ASP A 168 6.46 -17.60 -14.79
CA ASP A 168 5.86 -17.09 -16.02
C ASP A 168 4.35 -16.91 -15.80
N GLU A 169 3.72 -17.87 -15.13
CA GLU A 169 2.28 -17.82 -14.86
C GLU A 169 1.95 -16.63 -13.95
N LEU A 170 2.77 -16.41 -12.92
CA LEU A 170 2.56 -15.27 -12.02
C LEU A 170 2.63 -13.98 -12.84
N LYS A 171 3.65 -13.83 -13.68
CA LYS A 171 3.77 -12.61 -14.46
C LYS A 171 2.55 -12.39 -15.35
N ALA A 172 2.07 -13.47 -15.95
CA ALA A 172 0.91 -13.41 -16.83
C ALA A 172 -0.34 -12.94 -16.08
N ARG A 173 -0.55 -13.49 -14.89
CA ARG A 173 -1.68 -13.10 -14.07
C ARG A 173 -1.54 -11.63 -13.60
N ILE A 174 -0.31 -11.20 -13.31
CA ILE A 174 -0.11 -9.82 -12.87
C ILE A 174 -0.49 -8.87 -13.99
N ASN A 175 -0.07 -9.19 -15.21
CA ASN A 175 -0.40 -8.36 -16.36
C ASN A 175 -1.91 -8.33 -16.63
N GLU A 176 -2.61 -9.45 -16.44
CA GLU A 176 -4.06 -9.49 -16.64
C GLU A 176 -4.74 -8.58 -15.63
N VAL A 177 -4.38 -8.77 -14.37
CA VAL A 177 -4.96 -7.94 -13.31
C VAL A 177 -4.61 -6.47 -13.56
N ALA A 178 -3.39 -6.20 -14.03
CA ALA A 178 -2.97 -4.83 -14.27
C ALA A 178 -3.85 -4.16 -15.32
N GLU A 179 -4.33 -4.95 -16.27
CA GLU A 179 -5.17 -4.43 -17.33
C GLU A 179 -6.48 -3.92 -16.74
N LYS A 180 -7.03 -4.66 -15.77
CA LYS A 180 -8.26 -4.25 -15.13
C LYS A 180 -8.02 -2.97 -14.33
N ILE A 181 -6.91 -2.94 -13.61
CA ILE A 181 -6.55 -1.79 -12.80
C ILE A 181 -6.36 -0.54 -13.67
N GLU A 182 -5.77 -0.70 -14.85
CA GLU A 182 -5.58 0.46 -15.70
C GLU A 182 -6.92 1.12 -16.05
N ALA A 183 -7.94 0.31 -16.32
CA ALA A 183 -9.26 0.85 -16.63
C ALA A 183 -9.88 1.51 -15.40
N GLU A 184 -9.67 0.94 -14.22
CA GLU A 184 -10.21 1.52 -12.99
C GLU A 184 -9.52 2.84 -12.70
N ASN A 185 -8.19 2.88 -12.85
CA ASN A 185 -7.48 4.12 -12.59
C ASN A 185 -7.85 5.18 -13.62
N ALA A 186 -8.04 4.78 -14.87
CA ALA A 186 -8.40 5.77 -15.89
C ALA A 186 -9.67 6.54 -15.50
N GLU A 187 -10.58 5.87 -14.80
CA GLU A 187 -11.82 6.54 -14.40
C GLU A 187 -11.57 7.67 -13.40
N LEU A 188 -10.46 7.57 -12.68
CA LEU A 188 -10.09 8.59 -11.67
C LEU A 188 -9.42 9.80 -12.29
N ASN A 189 -9.06 9.71 -13.57
CA ASN A 189 -8.36 10.82 -14.23
C ASN A 189 -9.16 12.12 -14.20
N SER A 190 -10.49 12.03 -14.18
CA SER A 190 -11.31 13.24 -14.18
C SER A 190 -11.42 13.96 -12.83
N LEU A 191 -10.86 13.36 -11.77
CA LEU A 191 -10.90 13.97 -10.43
C LEU A 191 -9.74 14.94 -10.21
N PRO A 192 -9.82 15.77 -9.17
CA PRO A 192 -8.71 16.69 -8.92
C PRO A 192 -7.50 15.81 -8.56
N ALA A 193 -6.31 16.26 -8.95
CA ALA A 193 -5.10 15.49 -8.70
C ALA A 193 -4.66 15.42 -7.24
N ARG A 194 -4.13 14.26 -6.84
CA ARG A 194 -3.59 14.03 -5.51
C ARG A 194 -2.41 13.07 -5.72
N ILE A 195 -1.26 13.38 -5.12
CA ILE A 195 -0.07 12.54 -5.23
C ILE A 195 0.43 12.24 -3.81
N PHE A 196 0.57 10.96 -3.48
CA PHE A 196 1.08 10.57 -2.17
C PHE A 196 2.59 10.45 -2.32
N ILE A 197 3.32 11.06 -1.40
CA ILE A 197 4.77 11.05 -1.42
C ILE A 197 5.34 9.94 -0.55
N ASP A 198 6.14 9.04 -1.12
CA ASP A 198 6.74 8.01 -0.28
C ASP A 198 8.21 8.29 0.07
N HIS A 199 8.88 9.13 -0.72
CA HIS A 199 10.28 9.49 -0.40
C HIS A 199 10.54 10.93 -0.80
N ALA A 200 11.50 11.56 -0.15
CA ALA A 200 11.87 12.92 -0.53
C ALA A 200 13.34 13.12 -0.22
N PHE A 201 14.06 13.74 -1.15
CA PHE A 201 15.47 13.99 -0.93
C PHE A 201 16.01 15.06 -1.86
N ASN A 202 17.18 15.59 -1.51
CA ASN A 202 17.80 16.61 -2.34
C ASN A 202 18.64 15.91 -3.40
N VAL A 203 18.71 16.51 -4.58
CA VAL A 203 19.51 15.96 -5.66
C VAL A 203 20.40 17.09 -6.18
N THR A 204 21.71 16.90 -6.06
CA THR A 204 22.67 17.91 -6.51
C THR A 204 22.43 18.27 -7.96
N GLY A 205 22.22 19.57 -8.19
CA GLY A 205 21.99 20.03 -9.54
C GLY A 205 20.55 20.40 -9.78
N LYS A 206 19.62 19.87 -8.98
CA LYS A 206 18.21 20.19 -9.19
C LYS A 206 17.31 20.30 -7.96
N GLY A 207 17.89 20.23 -6.77
CA GLY A 207 17.12 20.38 -5.55
C GLY A 207 16.13 19.32 -5.10
N CYS A 208 15.03 19.77 -4.50
CA CYS A 208 13.98 18.91 -3.95
C CYS A 208 13.28 17.98 -4.93
N VAL A 209 13.45 16.68 -4.69
CA VAL A 209 12.84 15.64 -5.51
C VAL A 209 11.99 14.71 -4.64
N VAL A 210 10.75 14.46 -5.05
CA VAL A 210 9.93 13.53 -4.29
C VAL A 210 9.55 12.38 -5.19
N LEU A 211 9.42 11.19 -4.60
CA LEU A 211 8.98 10.00 -5.33
C LEU A 211 7.62 9.69 -4.73
N GLY A 212 6.67 9.31 -5.58
CA GLY A 212 5.34 9.00 -5.06
C GLY A 212 4.50 8.40 -6.16
N VAL A 213 3.18 8.40 -5.93
CA VAL A 213 2.27 7.82 -6.91
C VAL A 213 1.02 8.70 -6.99
N VAL A 214 0.55 8.95 -8.20
CA VAL A 214 -0.64 9.76 -8.39
C VAL A 214 -1.83 8.87 -8.00
N LYS A 215 -2.56 9.26 -6.96
CA LYS A 215 -3.69 8.46 -6.48
C LYS A 215 -4.99 8.70 -7.27
N GLN A 216 -5.16 9.90 -7.80
CA GLN A 216 -6.35 10.24 -8.57
C GLN A 216 -6.05 11.46 -9.43
N GLY A 217 -6.87 11.67 -10.46
CA GLY A 217 -6.69 12.78 -11.37
C GLY A 217 -5.48 12.64 -12.28
N ILE A 218 -5.05 13.74 -12.88
CA ILE A 218 -3.85 13.73 -13.73
C ILE A 218 -2.97 14.89 -13.30
N SER A 219 -1.77 14.60 -12.79
CA SER A 219 -0.87 15.68 -12.36
C SER A 219 -0.10 16.18 -13.60
N LYS A 220 0.07 17.50 -13.74
CA LYS A 220 0.76 18.05 -14.91
C LYS A 220 2.01 18.87 -14.59
N ASP A 221 3.01 18.75 -15.46
CA ASP A 221 4.26 19.49 -15.30
C ASP A 221 3.88 20.99 -15.24
N LYS A 222 4.50 21.71 -14.30
CA LYS A 222 4.27 23.12 -14.09
C LYS A 222 2.97 23.45 -13.35
N ASP A 223 2.31 22.45 -12.78
CA ASP A 223 1.11 22.71 -12.00
C ASP A 223 1.52 23.57 -10.80
N LYS A 224 0.66 24.47 -10.38
CA LYS A 224 0.92 25.27 -9.20
C LYS A 224 -0.12 24.71 -8.25
N THR A 225 0.33 24.09 -7.18
CA THR A 225 -0.60 23.46 -6.26
C THR A 225 -0.08 23.59 -4.85
N LYS A 226 -0.44 22.65 -3.97
CA LYS A 226 0.02 22.74 -2.59
C LYS A 226 0.54 21.42 -2.06
N ILE A 227 1.24 21.48 -0.93
CA ILE A 227 1.69 20.25 -0.29
C ILE A 227 1.15 20.28 1.14
N PHE A 228 0.60 19.14 1.59
CA PHE A 228 0.06 19.03 2.95
C PHE A 228 0.78 17.92 3.72
N PRO A 229 0.76 17.96 5.07
CA PRO A 229 0.10 18.93 5.95
C PRO A 229 0.69 20.35 6.10
N LEU A 230 1.79 20.65 5.42
CA LEU A 230 2.38 21.99 5.52
C LEU A 230 1.43 23.10 5.10
N ASP A 231 0.58 22.80 4.11
CA ASP A 231 -0.36 23.77 3.57
C ASP A 231 0.46 24.92 2.99
N ARG A 232 1.37 24.57 2.09
CA ARG A 232 2.28 25.50 1.47
C ARG A 232 2.16 25.43 -0.05
N ASP A 233 2.23 26.58 -0.73
CA ASP A 233 2.15 26.59 -2.18
C ASP A 233 3.45 26.09 -2.76
N ILE A 234 3.36 25.31 -3.84
CA ILE A 234 4.53 24.78 -4.47
C ILE A 234 4.25 24.72 -5.96
N GLU A 235 5.31 24.54 -6.75
CA GLU A 235 5.16 24.41 -8.19
C GLU A 235 5.84 23.12 -8.59
N ILE A 236 5.21 22.37 -9.48
CA ILE A 236 5.83 21.14 -9.97
C ILE A 236 6.76 21.55 -11.12
N ARG A 237 8.08 21.49 -10.88
CA ARG A 237 9.07 21.86 -11.90
C ARG A 237 9.26 20.86 -13.01
N SER A 238 9.07 19.58 -12.71
CA SER A 238 9.19 18.52 -13.71
C SER A 238 8.67 17.23 -13.10
N ILE A 239 8.26 16.30 -13.96
CA ILE A 239 7.74 15.01 -13.57
C ILE A 239 8.51 13.98 -14.38
N GLN A 240 8.96 12.93 -13.72
CA GLN A 240 9.69 11.87 -14.41
C GLN A 240 9.01 10.53 -14.18
N SER A 241 9.05 9.68 -15.20
CA SER A 241 8.48 8.36 -15.12
C SER A 241 9.56 7.42 -15.58
N HIS A 242 10.04 6.58 -14.68
CA HIS A 242 11.12 5.66 -15.00
C HIS A 242 12.24 6.38 -15.72
N ASP A 243 12.65 7.51 -15.13
CA ASP A 243 13.76 8.31 -15.62
C ASP A 243 13.57 9.20 -16.86
N VAL A 244 12.34 9.35 -17.35
CA VAL A 244 12.11 10.19 -18.52
C VAL A 244 11.12 11.29 -18.13
N ASP A 245 11.42 12.54 -18.46
CA ASP A 245 10.50 13.65 -18.15
C ASP A 245 9.22 13.41 -18.94
N ILE A 246 8.07 13.72 -18.33
CA ILE A 246 6.80 13.57 -19.00
C ILE A 246 5.97 14.80 -18.66
N ASP A 247 5.06 15.16 -19.56
CA ASP A 247 4.23 16.35 -19.34
C ASP A 247 3.07 16.13 -18.39
N SER A 248 2.65 14.88 -18.25
CA SER A 248 1.52 14.59 -17.36
C SER A 248 1.59 13.17 -16.83
N ALA A 249 1.00 12.97 -15.65
CA ALA A 249 1.03 11.67 -15.00
C ALA A 249 -0.34 11.34 -14.45
N PRO A 250 -1.08 10.45 -15.12
CA PRO A 250 -2.44 10.02 -14.75
C PRO A 250 -2.46 9.14 -13.49
N ALA A 251 -3.65 8.94 -12.94
CA ALA A 251 -3.81 8.13 -11.74
C ALA A 251 -3.14 6.79 -11.90
N GLY A 252 -2.42 6.36 -10.87
CA GLY A 252 -1.72 5.09 -10.91
C GLY A 252 -0.24 5.19 -11.29
N THR A 253 0.14 6.33 -11.84
CA THR A 253 1.52 6.55 -12.27
C THR A 253 2.48 6.77 -11.11
N ARG A 254 3.57 6.01 -11.10
CA ARG A 254 4.58 6.20 -10.08
C ARG A 254 5.49 7.31 -10.64
N VAL A 255 5.73 8.34 -9.84
CA VAL A 255 6.52 9.48 -10.28
C VAL A 255 7.68 9.89 -9.41
N GLY A 256 8.52 10.69 -10.05
CA GLY A 256 9.65 11.34 -9.42
C GLY A 256 9.34 12.78 -9.84
N ARG A 258 10.32 17.16 -9.41
CA ARG A 258 11.19 18.20 -8.85
C ARG A 258 10.19 19.23 -8.37
N LEU A 259 10.35 19.69 -7.14
CA LEU A 259 9.41 20.65 -6.58
C LEU A 259 10.09 21.98 -6.27
N LYS A 260 9.35 23.06 -6.50
CA LYS A 260 9.81 24.40 -6.22
C LYS A 260 9.05 24.93 -4.99
N ASN A 261 9.77 25.67 -4.16
CA ASN A 261 9.24 26.31 -2.95
C ASN A 261 9.10 25.43 -1.72
N VAL A 262 9.78 24.30 -1.71
CA VAL A 262 9.74 23.44 -0.53
C VAL A 262 11.04 22.64 -0.50
N GLN A 263 11.60 22.51 0.70
CA GLN A 263 12.84 21.78 0.87
C GLN A 263 12.60 20.32 1.28
N ALA A 264 13.41 19.42 0.71
CA ALA A 264 13.29 18.01 1.03
C ALA A 264 13.28 17.76 2.54
N LYS A 265 14.06 18.55 3.28
CA LYS A 265 14.15 18.37 4.71
C LYS A 265 12.84 18.61 5.47
N ASP A 266 11.88 19.28 4.85
CA ASP A 266 10.64 19.53 5.54
C ASP A 266 9.51 18.63 5.05
N ILE A 267 9.88 17.64 4.24
CA ILE A 267 8.89 16.72 3.67
C ILE A 267 9.09 15.31 4.24
N GLU A 268 7.98 14.68 4.63
CA GLU A 268 8.06 13.32 5.17
C GLU A 268 7.21 12.36 4.33
N ARG A 269 7.50 11.07 4.41
CA ARG A 269 6.69 10.07 3.70
C ARG A 269 5.27 10.33 4.23
N GLY A 270 4.27 10.31 3.36
CA GLY A 270 2.93 10.53 3.82
C GLY A 270 2.37 11.92 3.50
N PHE A 271 3.25 12.86 3.15
CA PHE A 271 2.80 14.20 2.76
C PHE A 271 2.06 14.03 1.44
N ILE A 272 1.12 14.92 1.18
CA ILE A 272 0.31 14.86 -0.02
C ILE A 272 0.39 16.14 -0.86
N ILE A 273 0.45 15.96 -2.17
CA ILE A 273 0.46 17.09 -3.07
C ILE A 273 -0.94 17.13 -3.67
N SER A 274 -1.65 18.22 -3.41
CA SER A 274 -2.99 18.43 -3.94
C SER A 274 -3.38 19.88 -3.66
N ASP A 275 -4.52 20.32 -4.19
CA ASP A 275 -4.93 21.69 -3.97
C ASP A 275 -5.61 21.82 -2.62
N LYS A 276 -6.04 20.72 -2.04
CA LYS A 276 -6.74 20.80 -0.76
C LYS A 276 -6.81 19.48 -0.02
N GLU A 277 -6.50 19.52 1.28
CA GLU A 277 -6.56 18.34 2.14
C GLU A 277 -6.97 18.79 3.54
N ILE A 278 -7.56 17.87 4.29
CA ILE A 278 -7.94 18.12 5.66
C ILE A 278 -6.64 17.94 6.45
N VAL A 279 -6.41 18.77 7.45
CA VAL A 279 -5.23 18.66 8.28
C VAL A 279 -5.70 18.80 9.73
N THR A 280 -5.55 17.74 10.53
CA THR A 280 -5.98 17.78 11.93
C THR A 280 -5.09 16.90 12.78
N THR A 281 -5.24 17.01 14.10
CA THR A 281 -4.48 16.20 15.04
C THR A 281 -5.47 15.28 15.76
N ASP A 282 -6.76 15.57 15.62
CA ASP A 282 -7.80 14.73 16.24
C ASP A 282 -8.62 14.12 15.11
N TYR A 283 -9.29 13.01 15.40
CA TYR A 283 -10.08 12.34 14.38
C TYR A 283 -11.36 11.73 14.95
N THR A 284 -12.41 11.75 14.14
CA THR A 284 -13.67 11.12 14.50
C THR A 284 -13.88 10.11 13.37
N LEU A 285 -13.71 8.83 13.68
CA LEU A 285 -13.84 7.77 12.67
C LEU A 285 -14.98 6.78 12.89
N GLU A 286 -15.70 6.47 11.80
CA GLU A 286 -16.75 5.46 11.85
C GLU A 286 -15.92 4.22 11.58
N CYS A 287 -15.86 3.33 12.57
CA CYS A 287 -15.01 2.14 12.47
C CYS A 287 -15.71 0.81 12.53
N THR A 288 -15.03 -0.18 11.99
CA THR A 288 -15.46 -1.56 12.01
C THR A 288 -14.27 -2.28 12.64
N VAL A 289 -14.52 -2.89 13.78
CA VAL A 289 -13.48 -3.58 14.54
C VAL A 289 -13.29 -5.04 14.14
N SER A 290 -12.02 -5.43 14.00
CA SER A 290 -11.65 -6.79 13.62
C SER A 290 -12.21 -7.80 14.62
N LYS A 291 -12.55 -8.99 14.15
CA LYS A 291 -13.01 -10.01 15.07
C LYS A 291 -11.81 -10.57 15.79
N PHE A 292 -10.61 -10.33 15.25
CA PHE A 292 -9.40 -10.88 15.86
C PHE A 292 -8.50 -9.88 16.58
N THR A 293 -9.10 -9.14 17.50
CA THR A 293 -8.37 -8.14 18.30
C THR A 293 -9.04 -8.04 19.69
N LYS A 294 -8.48 -7.22 20.58
CA LYS A 294 -9.07 -7.05 21.90
C LYS A 294 -10.08 -5.91 21.90
N LYS A 295 -11.07 -5.97 22.80
CA LYS A 295 -12.05 -4.90 22.85
C LYS A 295 -11.29 -3.58 23.04
N ILE A 296 -11.82 -2.53 22.43
CA ILE A 296 -11.21 -1.21 22.52
C ILE A 296 -11.89 -0.43 23.64
N GLU A 297 -11.11 0.28 24.46
CA GLU A 297 -11.64 1.04 25.59
C GLU A 297 -11.14 2.47 25.64
N PRO A 298 -11.90 3.36 26.30
CA PRO A 298 -11.51 4.77 26.41
C PRO A 298 -10.14 4.82 27.05
N ALA A 299 -9.39 5.87 26.73
CA ALA A 299 -8.05 6.07 27.27
C ALA A 299 -7.00 5.09 26.76
N SER A 300 -7.39 4.12 25.94
CA SER A 300 -6.40 3.18 25.44
C SER A 300 -5.60 3.83 24.30
N VAL A 301 -4.42 3.28 24.03
CA VAL A 301 -3.56 3.79 22.97
C VAL A 301 -3.56 2.84 21.78
N LEU A 302 -3.58 3.43 20.58
CA LEU A 302 -3.58 2.64 19.35
C LEU A 302 -2.65 3.31 18.37
N HIS A 303 -2.43 2.70 17.22
CA HIS A 303 -1.57 3.30 16.22
C HIS A 303 -2.44 3.54 14.99
N LEU A 304 -2.40 4.76 14.46
CA LEU A 304 -3.23 5.09 13.32
C LEU A 304 -2.46 5.20 12.01
N PHE A 305 -3.04 4.64 10.95
CA PHE A 305 -2.44 4.70 9.62
C PHE A 305 -3.44 5.30 8.66
N VAL A 306 -3.03 6.27 7.86
CA VAL A 306 -3.91 6.85 6.85
C VAL A 306 -2.95 7.31 5.77
N GLY A 307 -3.25 7.00 4.51
CA GLY A 307 -2.33 7.36 3.44
C GLY A 307 -1.01 6.68 3.76
N LEU A 308 0.09 7.44 3.71
CA LEU A 308 1.38 6.88 4.04
C LEU A 308 1.89 7.45 5.37
N GLN A 309 0.96 7.83 6.25
CA GLN A 309 1.30 8.39 7.57
C GLN A 309 0.93 7.39 8.66
N SER A 310 1.65 7.47 9.77
CA SER A 310 1.36 6.58 10.89
C SER A 310 1.75 7.28 12.18
N GLU A 311 0.90 7.22 13.19
CA GLU A 311 1.23 7.84 14.46
C GLU A 311 0.38 7.28 15.60
N PRO A 312 0.89 7.37 16.83
CA PRO A 312 0.11 6.87 17.97
C PRO A 312 -1.05 7.82 18.26
N VAL A 313 -2.16 7.28 18.74
CA VAL A 313 -3.33 8.07 19.08
C VAL A 313 -3.99 7.51 20.32
N ARG A 314 -4.77 8.34 21.00
CA ARG A 314 -5.46 7.91 22.20
C ARG A 314 -6.96 7.87 21.94
N VAL A 315 -7.64 6.89 22.51
CA VAL A 315 -9.07 6.79 22.31
C VAL A 315 -9.72 7.70 23.37
N GLU A 316 -10.38 8.76 22.91
CA GLU A 316 -11.01 9.71 23.83
C GLU A 316 -12.44 9.33 24.15
N LYS A 317 -13.17 8.85 23.14
CA LYS A 317 -14.56 8.56 23.34
C LYS A 317 -15.00 7.48 22.37
N ILE A 318 -15.90 6.63 22.83
CA ILE A 318 -16.43 5.57 22.00
C ILE A 318 -17.93 5.69 22.00
N LEU A 319 -18.53 5.73 20.81
CA LEU A 319 -19.99 5.82 20.67
C LEU A 319 -20.55 4.76 19.72
N VAL A 320 -21.81 4.41 19.95
CA VAL A 320 -22.54 3.48 19.12
C VAL A 320 -23.95 4.07 18.97
N ASP A 321 -24.41 4.23 17.74
CA ASP A 321 -25.73 4.80 17.51
C ASP A 321 -25.88 6.13 18.24
N GLY A 322 -24.84 6.96 18.16
CA GLY A 322 -24.88 8.26 18.81
C GLY A 322 -24.73 8.24 20.32
N ASN A 323 -24.83 7.06 20.93
CA ASN A 323 -24.70 6.97 22.37
C ASN A 323 -23.33 6.49 22.82
N GLU A 324 -22.80 7.12 23.86
CA GLU A 324 -21.50 6.77 24.37
C GLU A 324 -21.46 5.45 25.14
N VAL A 325 -20.44 4.66 24.87
CA VAL A 325 -20.26 3.36 25.53
C VAL A 325 -18.88 3.25 26.14
N GLU A 326 -18.69 2.25 26.99
CA GLU A 326 -17.40 2.05 27.64
C GLU A 326 -16.42 1.13 26.91
N GLU A 327 -16.87 0.52 25.81
CA GLU A 327 -15.99 -0.37 25.04
C GLU A 327 -16.57 -0.64 23.66
N ALA A 328 -15.72 -1.05 22.73
CA ALA A 328 -16.14 -1.45 21.40
C ALA A 328 -15.58 -2.87 21.32
N LYS A 329 -16.45 -3.87 21.25
CA LYS A 329 -15.98 -5.26 21.22
C LYS A 329 -15.46 -5.71 19.85
N PRO A 330 -14.68 -6.80 19.82
CA PRO A 330 -14.16 -7.29 18.54
C PRO A 330 -15.35 -7.55 17.65
N GLY A 331 -15.22 -7.22 16.37
CA GLY A 331 -16.31 -7.48 15.44
C GLY A 331 -17.54 -6.61 15.54
N SER A 332 -17.40 -5.39 16.07
CA SER A 332 -18.53 -4.48 16.19
C SER A 332 -18.23 -3.23 15.39
N THR A 333 -19.24 -2.40 15.20
CA THR A 333 -19.08 -1.12 14.49
C THR A 333 -19.27 -0.02 15.53
N CYS A 334 -18.49 1.04 15.42
CA CYS A 334 -18.59 2.13 16.39
C CYS A 334 -18.02 3.40 15.80
N VAL A 335 -18.09 4.46 16.58
CA VAL A 335 -17.50 5.73 16.20
C VAL A 335 -16.46 5.92 17.26
N LEU A 336 -15.24 6.23 16.84
CA LEU A 336 -14.14 6.45 17.76
C LEU A 336 -13.66 7.88 17.64
N GLU A 337 -13.59 8.57 18.77
CA GLU A 337 -13.07 9.93 18.77
C GLU A 337 -11.63 9.76 19.26
N LEU A 338 -10.69 10.12 18.39
CA LEU A 338 -9.26 9.95 18.68
C LEU A 338 -8.45 11.23 18.70
N SER A 339 -7.38 11.23 19.48
CA SER A 339 -6.49 12.38 19.56
C SER A 339 -5.05 11.93 19.40
N GLY A 340 -4.26 12.76 18.70
CA GLY A 340 -2.86 12.49 18.48
C GLY A 340 -2.10 13.80 18.62
N ASN A 341 -0.79 13.76 18.46
CA ASN A 341 0.03 14.96 18.60
C ASN A 341 0.37 15.66 17.27
N LYS A 342 0.74 14.89 16.25
CA LYS A 342 1.12 15.47 14.98
C LYS A 342 -0.02 15.71 14.01
N LYS A 343 0.15 16.73 13.17
CA LYS A 343 -0.83 17.07 12.17
C LYS A 343 -0.75 16.08 11.01
N LEU A 344 -1.87 15.43 10.67
CA LEU A 344 -1.87 14.50 9.54
C LEU A 344 -2.78 15.07 8.46
N ALA A 345 -2.47 14.76 7.20
CA ALA A 345 -3.26 15.24 6.08
C ALA A 345 -4.05 14.08 5.44
N TYR A 346 -5.29 14.35 5.05
CA TYR A 346 -6.12 13.30 4.45
C TYR A 346 -7.40 13.89 3.88
N SER A 347 -8.08 13.12 3.04
CA SER A 347 -9.36 13.55 2.51
C SER A 347 -10.31 12.44 2.96
N LYS A 348 -11.60 12.72 2.99
CA LYS A 348 -12.61 11.77 3.45
C LYS A 348 -12.54 10.39 2.82
N GLN A 349 -12.08 10.32 1.57
CA GLN A 349 -11.99 9.04 0.89
C GLN A 349 -10.84 8.14 1.37
N ASP A 350 -9.93 8.67 2.20
CA ASP A 350 -8.79 7.89 2.67
C ASP A 350 -9.20 6.95 3.80
N ARG A 351 -8.97 5.65 3.60
CA ARG A 351 -9.31 4.67 4.61
C ARG A 351 -8.26 4.72 5.73
N PHE A 352 -8.71 4.69 6.97
CA PHE A 352 -7.84 4.70 8.15
C PHE A 352 -7.71 3.28 8.68
N LEU A 353 -6.53 2.93 9.19
CA LEU A 353 -6.36 1.63 9.81
C LEU A 353 -5.94 1.88 11.25
N LEU A 354 -6.44 1.10 12.19
CA LEU A 354 -6.00 1.24 13.58
C LEU A 354 -5.35 -0.05 14.01
N ALA A 355 -4.25 0.04 14.75
CA ALA A 355 -3.56 -1.16 15.21
C ALA A 355 -3.12 -1.04 16.67
N ASN A 356 -2.76 -2.18 17.26
CA ASN A 356 -2.23 -2.21 18.61
C ASN A 356 -0.92 -2.92 18.39
N LEU A 357 0.17 -2.16 18.37
CA LEU A 357 1.49 -2.69 18.13
C LEU A 357 2.00 -3.71 19.13
N ASP A 358 1.32 -3.85 20.27
CA ASP A 358 1.76 -4.79 21.30
C ASP A 358 1.12 -6.17 21.21
N LEU A 359 0.16 -6.32 20.31
CA LEU A 359 -0.53 -7.60 20.17
C LEU A 359 0.19 -8.51 19.18
N THR A 360 -0.25 -9.77 19.09
CA THR A 360 0.38 -10.70 18.16
C THR A 360 -0.15 -10.37 16.77
N GLN A 361 -1.47 -10.34 16.65
CA GLN A 361 -2.12 -9.98 15.40
C GLN A 361 -2.38 -8.51 15.73
N ARG A 362 -1.66 -7.61 15.07
CA ARG A 362 -1.76 -6.20 15.38
C ARG A 362 -2.85 -5.29 14.80
N PHE A 363 -3.53 -5.70 13.74
CA PHE A 363 -4.56 -4.85 13.16
C PHE A 363 -5.85 -4.93 13.94
N ALA A 364 -6.38 -3.77 14.31
CA ALA A 364 -7.56 -3.70 15.14
C ALA A 364 -8.84 -3.28 14.48
N ALA A 365 -8.75 -2.41 13.48
CA ALA A 365 -9.93 -1.93 12.80
C ALA A 365 -9.60 -1.05 11.62
N TYR A 366 -10.63 -0.75 10.83
CA TYR A 366 -10.49 0.21 9.73
C TYR A 366 -11.60 1.20 9.99
N GLY A 367 -11.48 2.40 9.41
CA GLY A 367 -12.52 3.38 9.61
C GLY A 367 -12.38 4.53 8.63
N PHE A 368 -13.39 5.38 8.59
CA PHE A 368 -13.35 6.54 7.71
C PHE A 368 -13.76 7.77 8.52
N SER A 369 -13.17 8.91 8.15
CA SER A 369 -13.44 10.17 8.85
C SER A 369 -14.89 10.57 8.68
N LYS A 370 -15.56 10.82 9.80
CA LYS A 370 -16.96 11.20 9.78
C LYS A 370 -17.11 12.64 9.31
#